data_1DFZ
#
_entry.id   1DFZ
#
_cell.length_a   1.0
_cell.length_b   1.0
_cell.length_c   1.0
_cell.angle_alpha   90.0
_cell.angle_beta   90.0
_cell.angle_gamma   90.0
#
_symmetry.space_group_name_H-M   'P 1'
#
_entity_poly.entity_id   1
_entity_poly.type   'polypeptide(L)'
_entity_poly.pdbx_seq_one_letter_code
;GC(HYP)(DTR)QPW(CY3)
;
_entity_poly.pdbx_strand_id   A
#
# COMPACT_ATOMS: atom_id res chain seq x y z
N GLY A 1 -0.55 -1.30 5.15
CA GLY A 1 0.59 -1.27 4.20
C GLY A 1 0.62 0.15 3.72
N CYS A 2 0.21 0.40 2.51
CA CYS A 2 0.23 1.81 2.01
C CYS A 2 -1.22 2.12 1.56
N HYP A 3 -1.45 3.22 0.88
CA HYP A 3 -2.80 3.56 0.37
C HYP A 3 -3.28 2.52 -0.67
O HYP A 3 -2.74 2.44 -1.76
CB HYP A 3 -2.65 4.99 -0.20
CG HYP A 3 -1.13 5.16 -0.44
CD HYP A 3 -0.42 4.27 0.56
OD1 HYP A 3 -0.74 6.48 -0.08
HA HYP A 3 -3.50 3.57 1.21
HB2 HYP A 3 -3.00 5.71 0.53
HB3 HYP A 3 -3.23 5.11 -1.11
HG HYP A 3 -0.83 4.92 -1.45
HD22 HYP A 3 -0.14 4.78 1.47
HD23 HYP A 3 0.44 3.84 0.09
HD1 HYP A 3 -0.26 6.84 -0.82
N DTR A 4 -4.31 1.78 -0.34
CA DTR A 4 -4.84 0.75 -1.25
CB DTR A 4 -6.42 0.65 -1.03
CG DTR A 4 -7.17 1.82 -1.73
CD1 DTR A 4 -6.61 2.99 -2.09
NE1 DTR A 4 -7.60 3.64 -2.64
CE2 DTR A 4 -8.77 3.03 -2.66
CZ2 DTR A 4 -10.06 3.30 -3.11
CH2 DTR A 4 -11.07 2.36 -2.96
CZ3 DTR A 4 -10.78 1.14 -2.34
CE3 DTR A 4 -9.48 0.86 -1.90
CD2 DTR A 4 -8.47 1.81 -2.06
C DTR A 4 -4.14 -0.58 -0.96
O DTR A 4 -4.76 -1.57 -0.62
H DTR A 4 -4.68 1.87 0.55
HA DTR A 4 -4.65 1.02 -2.29
HB2 DTR A 4 -6.66 0.60 0.02
HB3 DTR A 4 -6.73 -0.26 -1.52
HD1 DTR A 4 -5.58 3.27 -1.97
HE1 DTR A 4 -7.51 4.55 -3.00
HZ2 DTR A 4 -10.30 4.25 -3.59
HH2 DTR A 4 -12.09 2.56 -3.30
HZ3 DTR A 4 -11.57 0.40 -2.21
HE3 DTR A 4 -9.26 -0.08 -1.42
N GLN A 5 -2.85 -0.54 -1.11
CA GLN A 5 -2.00 -1.74 -0.87
C GLN A 5 -0.66 -1.47 -0.17
N PRO A 6 0.12 -2.48 0.19
CA PRO A 6 1.49 -2.28 0.73
C PRO A 6 2.50 -1.77 -0.33
N TRP A 7 2.86 -2.67 -1.20
CA TRP A 7 3.84 -2.32 -2.31
C TRP A 7 3.52 -0.96 -3.00
N CY3 A 8 4.06 0.07 -2.41
CA CY3 A 8 3.82 1.46 -3.00
C CY3 A 8 5.21 2.00 -3.43
O CY3 A 8 5.39 2.54 -4.48
CB CY3 A 8 3.22 2.34 -1.92
SG CY3 A 8 3.96 2.23 -0.28
N1 CY3 A 8 6.17 1.88 -2.65
H CY3 A 8 4.56 -0.02 -1.65
HA CY3 A 8 3.15 1.41 -3.88
HB2 CY3 A 8 2.17 2.14 -1.83
HB3 CY3 A 8 3.32 3.40 -2.24
HN11 CY3 A 8 6.11 1.54 -1.72
HN12 CY3 A 8 7.08 2.27 -2.92
N GLY A 1 -0.99 -1.53 4.33
CA GLY A 1 0.46 -1.22 4.25
C GLY A 1 0.58 0.21 3.76
N CYS A 2 0.15 0.50 2.55
CA CYS A 2 0.24 1.90 2.01
C CYS A 2 -1.20 2.26 1.53
N HYP A 3 -1.42 3.35 0.85
CA HYP A 3 -2.76 3.61 0.25
C HYP A 3 -3.24 2.49 -0.70
O HYP A 3 -2.75 2.30 -1.79
CB HYP A 3 -2.66 4.98 -0.49
CG HYP A 3 -1.17 5.43 -0.40
CD HYP A 3 -0.42 4.43 0.55
OD1 HYP A 3 -1.19 6.73 0.19
HA HYP A 3 -3.48 3.71 1.06
HB2 HYP A 3 -3.31 5.68 -0.01
HB3 HYP A 3 -2.98 4.85 -1.51
HG HYP A 3 -0.70 5.44 -1.38
HD22 HYP A 3 -0.11 4.90 1.48
HD23 HYP A 3 0.43 4.02 0.01
HD1 HYP A 3 -1.88 6.71 0.87
N DTR A 4 -4.24 1.78 -0.28
CA DTR A 4 -4.84 0.69 -1.06
CB DTR A 4 -6.35 0.67 -0.74
CG DTR A 4 -7.02 1.99 -1.10
CD1 DTR A 4 -6.45 3.00 -1.80
NE1 DTR A 4 -7.40 3.93 -1.85
CE2 DTR A 4 -8.55 3.66 -1.26
CZ2 DTR A 4 -9.78 4.24 -1.03
CH2 DTR A 4 -10.75 3.56 -0.31
CZ3 DTR A 4 -10.50 2.27 0.19
CE3 DTR A 4 -9.26 1.69 -0.04
CD2 DTR A 4 -8.28 2.37 -0.76
C DTR A 4 -4.17 -0.65 -0.76
O DTR A 4 -4.82 -1.63 -0.41
H DTR A 4 -4.55 1.99 0.61
HA DTR A 4 -4.68 0.90 -2.13
HB2 DTR A 4 -6.50 0.48 0.30
HB3 DTR A 4 -6.83 -0.12 -1.27
HD1 DTR A 4 -5.44 3.05 -2.23
HE1 DTR A 4 -7.25 4.79 -2.30
HZ2 DTR A 4 -9.97 5.22 -1.41
HH2 DTR A 4 -11.70 4.02 -0.12
HZ3 DTR A 4 -11.26 1.74 0.75
HE3 DTR A 4 -9.06 0.70 0.32
N GLN A 5 -2.88 -0.65 -0.88
CA GLN A 5 -2.08 -1.89 -0.64
C GLN A 5 -0.67 -1.60 -0.08
N PRO A 6 0.15 -2.60 0.15
CA PRO A 6 1.51 -2.40 0.69
C PRO A 6 2.56 -1.85 -0.26
N TRP A 7 2.80 -2.60 -1.29
CA TRP A 7 3.83 -2.17 -2.31
C TRP A 7 3.60 -0.76 -2.93
N CY3 A 8 4.21 0.22 -2.31
CA CY3 A 8 4.07 1.62 -2.83
C CY3 A 8 5.28 1.73 -3.79
O CY3 A 8 6.26 2.45 -3.58
CB CY3 A 8 4.16 2.62 -1.62
SG CY3 A 8 2.70 3.60 -1.16
N1 CY3 A 8 5.19 1.00 -4.86
H CY3 A 8 4.72 0.05 -1.51
HA CY3 A 8 3.14 1.72 -3.34
HB2 CY3 A 8 4.97 3.30 -1.85
HB3 CY3 A 8 4.50 2.07 -0.77
HN11 CY3 A 8 4.40 0.44 -5.10
HN12 CY3 A 8 5.92 1.01 -5.49
N GLY A 1 0.35 -1.30 5.48
CA GLY A 1 0.12 -1.24 4.01
C GLY A 1 0.34 0.20 3.57
N CYS A 2 -0.08 0.53 2.39
CA CYS A 2 0.09 1.91 1.86
C CYS A 2 -1.35 2.25 1.37
N HYP A 3 -1.58 3.31 0.63
CA HYP A 3 -2.98 3.64 0.22
C HYP A 3 -3.60 2.50 -0.61
O HYP A 3 -3.36 2.36 -1.79
CB HYP A 3 -2.91 4.95 -0.56
CG HYP A 3 -1.42 5.33 -0.67
CD HYP A 3 -0.58 4.28 0.11
OD1 HYP A 3 -1.32 6.56 0.02
HA HYP A 3 -3.56 3.78 1.13
HB2 HYP A 3 -3.50 5.69 -0.04
HB3 HYP A 3 -3.33 4.80 -1.54
HG HYP A 3 -1.13 5.42 -1.71
HD22 HYP A 3 -0.01 4.70 0.94
HD23 HYP A 3 0.09 3.77 -0.56
HD1 HYP A 3 -1.56 6.35 0.94
N DTR A 4 -4.38 1.70 0.05
CA DTR A 4 -5.05 0.58 -0.65
CB DTR A 4 -6.46 0.37 0.00
CG DTR A 4 -7.55 1.10 -0.81
CD1 DTR A 4 -7.32 1.99 -1.81
NE1 DTR A 4 -8.53 2.32 -2.22
CE2 DTR A 4 -9.54 1.74 -1.60
CZ2 DTR A 4 -10.92 1.75 -1.67
CH2 DTR A 4 -11.67 0.97 -0.79
CZ3 DTR A 4 -11.02 0.16 0.14
CE3 DTR A 4 -9.63 0.15 0.20
CD2 DTR A 4 -8.88 0.94 -0.67
C DTR A 4 -4.21 -0.68 -0.58
O DTR A 4 -4.63 -1.73 -0.17
H DTR A 4 -4.50 1.84 1.00
HA DTR A 4 -5.15 0.82 -1.69
HB2 DTR A 4 -6.50 0.72 1.03
HB3 DTR A 4 -6.72 -0.68 -0.01
HD1 DTR A 4 -6.37 2.35 -2.17
HE1 DTR A 4 -8.67 2.94 -2.97
HZ2 DTR A 4 -11.43 2.39 -2.39
HH2 DTR A 4 -12.74 0.98 -0.84
HZ3 DTR A 4 -11.60 -0.45 0.82
HE3 DTR A 4 -9.12 -0.46 0.93
N GLN A 5 -2.98 -0.51 -0.99
CA GLN A 5 -2.03 -1.67 -1.01
C GLN A 5 -0.65 -1.40 -0.38
N PRO A 6 0.10 -2.44 -0.10
CA PRO A 6 1.45 -2.32 0.55
C PRO A 6 2.61 -1.87 -0.36
N TRP A 7 2.72 -2.59 -1.43
CA TRP A 7 3.79 -2.34 -2.45
C TRP A 7 3.86 -0.93 -3.10
N CY3 A 8 4.24 0.05 -2.34
CA CY3 A 8 4.34 1.43 -2.89
C CY3 A 8 5.85 1.66 -2.96
O CY3 A 8 6.55 1.11 -3.80
CB CY3 A 8 3.66 2.42 -1.91
SG CY3 A 8 3.99 2.26 -0.14
N1 CY3 A 8 6.44 2.45 -2.11
H CY3 A 8 4.44 -0.12 -1.39
HA CY3 A 8 3.92 1.48 -3.89
HB2 CY3 A 8 2.59 2.32 -2.06
HB3 CY3 A 8 3.93 3.43 -2.22
HN11 CY3 A 8 5.89 2.90 -1.43
HN12 CY3 A 8 7.40 2.58 -2.15
N GLY A 1 -0.21 -1.46 5.79
CA GLY A 1 -0.07 -1.47 4.30
C GLY A 1 0.18 -0.02 3.85
N CYS A 2 0.07 0.25 2.57
CA CYS A 2 0.30 1.64 2.03
C CYS A 2 -0.99 2.09 1.29
N HYP A 3 -1.02 3.22 0.63
CA HYP A 3 -2.18 3.62 -0.22
C HYP A 3 -2.79 2.50 -1.08
O HYP A 3 -2.38 2.23 -2.20
CB HYP A 3 -1.68 4.79 -1.07
CG HYP A 3 -0.51 5.40 -0.28
CD HYP A 3 0.07 4.25 0.62
OD1 HYP A 3 -1.18 6.31 0.60
HA HYP A 3 -2.95 4.01 0.44
HB2 HYP A 3 -2.48 5.48 -1.27
HB3 HYP A 3 -1.31 4.41 -2.02
HG HYP A 3 0.23 5.89 -0.88
HD22 HYP A 3 0.28 4.59 1.63
HD23 HYP A 3 0.96 3.85 0.17
HD1 HYP A 3 -1.37 5.82 1.40
N DTR A 4 -3.75 1.86 -0.49
CA DTR A 4 -4.48 0.76 -1.16
CB DTR A 4 -5.95 0.77 -0.66
CG DTR A 4 -6.62 2.07 -1.11
CD1 DTR A 4 -6.85 3.13 -0.29
NE1 DTR A 4 -7.42 4.00 -1.10
CE2 DTR A 4 -7.59 3.63 -2.35
CZ2 DTR A 4 -8.13 4.18 -3.52
CH2 DTR A 4 -8.13 3.44 -4.70
CZ3 DTR A 4 -7.58 2.15 -4.70
CE3 DTR A 4 -7.05 1.62 -3.53
CD2 DTR A 4 -7.06 2.36 -2.35
C DTR A 4 -3.81 -0.57 -0.84
O DTR A 4 -4.40 -1.50 -0.32
H DTR A 4 -3.99 2.12 0.42
HA DTR A 4 -4.46 0.92 -2.23
HB2 DTR A 4 -6.00 0.69 0.42
HB3 DTR A 4 -6.50 -0.05 -1.08
HD1 DTR A 4 -6.61 3.21 0.76
HE1 DTR A 4 -7.71 4.89 -0.80
HZ2 DTR A 4 -8.55 5.18 -3.51
HH2 DTR A 4 -8.54 3.85 -5.60
HZ3 DTR A 4 -7.57 1.57 -5.62
HE3 DTR A 4 -6.64 0.62 -3.54
N GLN A 5 -2.55 -0.60 -1.15
CA GLN A 5 -1.73 -1.84 -0.93
C GLN A 5 -0.43 -1.64 -0.15
N PRO A 6 0.13 -2.70 0.37
CA PRO A 6 1.50 -2.70 0.93
C PRO A 6 2.56 -2.08 0.03
N TRP A 7 2.46 -2.45 -1.21
CA TRP A 7 3.44 -1.91 -2.19
C TRP A 7 2.92 -0.55 -2.72
N CY3 A 8 3.71 0.46 -2.46
CA CY3 A 8 3.38 1.85 -2.89
C CY3 A 8 4.35 2.24 -4.02
O CY3 A 8 4.58 3.40 -4.29
CB CY3 A 8 3.52 2.79 -1.67
SG CY3 A 8 4.17 2.09 -0.13
N1 CY3 A 8 4.95 1.32 -4.70
H CY3 A 8 4.54 0.30 -1.97
HA CY3 A 8 2.36 1.87 -3.29
HB2 CY3 A 8 2.55 3.19 -1.45
HB3 CY3 A 8 4.15 3.63 -1.94
HN11 CY3 A 8 4.79 0.37 -4.49
HN12 CY3 A 8 5.58 1.56 -5.41
N GLY A 1 -0.29 -1.05 5.99
CA GLY A 1 -0.60 -1.12 4.53
C GLY A 1 -0.24 0.24 3.96
N CYS A 2 -0.22 0.40 2.66
CA CYS A 2 0.15 1.75 2.10
C CYS A 2 -1.18 2.24 1.50
N HYP A 3 -1.20 3.25 0.65
CA HYP A 3 -2.48 3.74 0.11
C HYP A 3 -3.12 2.63 -0.75
O HYP A 3 -2.90 2.51 -1.94
CB HYP A 3 -2.14 5.01 -0.70
CG HYP A 3 -0.61 5.23 -0.59
CD HYP A 3 -0.02 3.99 0.13
OD1 HYP A 3 -0.41 6.36 0.26
HA HYP A 3 -3.14 3.98 0.93
HB2 HYP A 3 -2.72 5.83 -0.28
HB3 HYP A 3 -2.41 4.86 -1.73
HG HYP A 3 -0.15 5.37 -1.56
HD22 HYP A 3 0.66 4.21 0.93
HD23 HYP A 3 0.45 3.36 -0.60
HD1 HYP A 3 -1.12 6.37 0.91
N DTR A 4 -3.91 1.83 -0.11
CA DTR A 4 -4.61 0.72 -0.80
CB DTR A 4 -6.00 0.52 -0.12
CG DTR A 4 -6.89 1.79 -0.16
CD1 DTR A 4 -6.56 2.98 -0.71
NE1 DTR A 4 -7.63 3.71 -0.49
CE2 DTR A 4 -8.64 3.15 0.16
CZ2 DTR A 4 -9.90 3.48 0.60
CH2 DTR A 4 -10.67 2.53 1.28
CZ3 DTR A 4 -10.18 1.24 1.49
CE3 DTR A 4 -8.90 0.92 1.03
CD2 DTR A 4 -8.13 1.87 0.37
C DTR A 4 -3.80 -0.59 -0.78
O DTR A 4 -4.37 -1.64 -0.54
H DTR A 4 -4.02 1.96 0.86
HA DTR A 4 -4.76 0.99 -1.83
HB2 DTR A 4 -5.87 0.23 0.90
HB3 DTR A 4 -6.53 -0.28 -0.61
HD1 DTR A 4 -5.64 3.26 -1.22
HE1 DTR A 4 -7.69 4.64 -0.79
HZ2 DTR A 4 -10.30 4.48 0.45
HH2 DTR A 4 -11.66 2.79 1.62
HZ3 DTR A 4 -10.78 0.50 2.00
HE3 DTR A 4 -8.51 -0.08 1.19
N GLN A 5 -2.51 -0.52 -1.01
CA GLN A 5 -1.69 -1.78 -1.01
C GLN A 5 -0.37 -1.77 -0.24
N PRO A 6 0.28 -2.91 -0.10
CA PRO A 6 1.64 -3.00 0.50
C PRO A 6 2.73 -2.31 -0.29
N TRP A 7 2.71 -2.63 -1.55
CA TRP A 7 3.72 -2.06 -2.48
C TRP A 7 3.26 -0.66 -2.93
N CY3 A 8 4.10 0.29 -2.61
CA CY3 A 8 3.84 1.71 -2.95
C CY3 A 8 4.77 2.11 -4.09
O CY3 A 8 5.97 2.21 -3.91
CB CY3 A 8 4.11 2.55 -1.69
SG CY3 A 8 2.68 3.37 -0.94
N1 CY3 A 8 4.30 2.35 -5.26
H CY3 A 8 4.92 0.04 -2.15
HA CY3 A 8 2.81 1.82 -3.26
HB2 CY3 A 8 4.83 3.32 -1.93
HB3 CY3 A 8 4.55 1.92 -0.91
HN11 CY3 A 8 3.34 2.28 -5.41
HN12 CY3 A 8 4.89 2.62 -5.98
N GLY A 1 -0.77 -1.50 4.39
CA GLY A 1 0.65 -1.11 4.35
C GLY A 1 0.73 0.27 3.72
N CYS A 2 0.14 0.50 2.58
CA CYS A 2 0.22 1.88 1.96
C CYS A 2 -1.23 2.16 1.51
N HYP A 3 -1.53 3.28 0.93
CA HYP A 3 -2.90 3.53 0.45
C HYP A 3 -3.35 2.53 -0.62
O HYP A 3 -2.80 2.44 -1.71
CB HYP A 3 -2.98 4.94 -0.07
CG HYP A 3 -1.50 5.38 -0.23
CD HYP A 3 -0.62 4.44 0.68
OD1 HYP A 3 -1.48 6.69 0.33
HA HYP A 3 -3.58 3.43 1.30
HB2 HYP A 3 -3.49 5.59 0.63
HB3 HYP A 3 -3.49 4.98 -1.02
HG HYP A 3 -1.17 5.40 -1.27
HD22 HYP A 3 -0.37 4.93 1.61
HD23 HYP A 3 0.25 4.13 0.16
HD1 HYP A 3 -0.63 7.09 0.11
N DTR A 4 -4.32 1.74 -0.27
CA DTR A 4 -4.87 0.73 -1.20
CB DTR A 4 -6.37 0.54 -0.89
CG DTR A 4 -7.12 1.87 -1.12
CD1 DTR A 4 -6.64 3.04 -1.60
NE1 DTR A 4 -7.67 3.84 -1.61
CE2 DTR A 4 -8.84 3.33 -1.19
CZ2 DTR A 4 -10.14 3.76 -0.99
CH2 DTR A 4 -11.09 2.86 -0.47
CZ3 DTR A 4 -10.71 1.55 -0.15
CE3 DTR A 4 -9.40 1.15 -0.35
CD2 DTR A 4 -8.44 2.03 -0.86
C DTR A 4 -4.07 -0.58 -0.99
O DTR A 4 -4.65 -1.63 -0.80
H DTR A 4 -4.69 1.80 0.63
HA DTR A 4 -4.70 1.02 -2.19
HB2 DTR A 4 -6.48 0.23 0.13
HB3 DTR A 4 -6.77 -0.23 -1.55
HD1 DTR A 4 -5.64 3.23 -1.93
HE1 DTR A 4 -7.62 4.77 -1.93
HZ2 DTR A 4 -10.45 4.76 -1.23
HH2 DTR A 4 -12.12 3.17 -0.32
HZ3 DTR A 4 -11.45 0.85 0.23
HE3 DTR A 4 -9.10 0.14 -0.12
N GLN A 5 -2.75 -0.48 -1.01
CA GLN A 5 -1.90 -1.72 -0.84
C GLN A 5 -0.56 -1.44 -0.18
N PRO A 6 0.17 -2.51 0.11
CA PRO A 6 1.50 -2.38 0.77
C PRO A 6 2.62 -1.92 -0.16
N TRP A 7 2.74 -2.63 -1.21
CA TRP A 7 3.80 -2.33 -2.24
C TRP A 7 3.55 -0.97 -2.96
N CY3 A 8 4.02 0.09 -2.38
CA CY3 A 8 3.85 1.45 -3.00
C CY3 A 8 5.23 1.92 -3.44
O CY3 A 8 6.02 1.22 -4.03
CB CY3 A 8 3.26 2.34 -1.90
SG CY3 A 8 3.99 2.18 -0.26
N1 CY3 A 8 5.56 3.17 -3.24
H CY3 A 8 4.47 -0.02 -1.51
HA CY3 A 8 3.17 1.37 -3.82
HB2 CY3 A 8 2.20 2.08 -1.80
HB3 CY3 A 8 3.30 3.38 -2.19
HN11 CY3 A 8 4.96 3.85 -2.88
HN12 CY3 A 8 6.43 3.49 -3.57
N GLY A 1 0.27 -1.37 5.55
CA GLY A 1 0.01 -1.28 4.09
C GLY A 1 0.22 0.16 3.68
N CYS A 2 -0.03 0.44 2.43
CA CYS A 2 0.13 1.82 1.90
C CYS A 2 -1.25 2.13 1.30
N HYP A 3 -1.45 3.25 0.64
CA HYP A 3 -2.80 3.66 0.20
C HYP A 3 -3.41 2.58 -0.70
O HYP A 3 -3.15 2.49 -1.89
CB HYP A 3 -2.59 5.02 -0.49
CG HYP A 3 -1.17 5.49 -0.04
CD HYP A 3 -0.37 4.21 0.27
OD1 HYP A 3 -1.40 6.09 1.23
HA HYP A 3 -3.42 3.79 1.08
HB2 HYP A 3 -3.34 5.73 -0.18
HB3 HYP A 3 -2.63 4.92 -1.56
HG HYP A 3 -0.68 6.17 -0.73
HD22 HYP A 3 0.34 4.35 1.08
HD23 HYP A 3 0.15 3.86 -0.60
HD1 HYP A 3 -1.10 6.99 1.16
N DTR A 4 -4.23 1.77 -0.10
CA DTR A 4 -4.92 0.66 -0.83
CB DTR A 4 -6.32 0.40 -0.19
CG DTR A 4 -7.13 1.69 -0.04
CD1 DTR A 4 -7.49 2.26 1.14
NE1 DTR A 4 -8.16 3.32 0.76
CE2 DTR A 4 -8.29 3.54 -0.53
CZ2 DTR A 4 -8.86 4.48 -1.38
CH2 DTR A 4 -8.77 4.33 -2.77
CZ3 DTR A 4 -8.09 3.24 -3.30
CE3 DTR A 4 -7.50 2.31 -2.44
CD2 DTR A 4 -7.61 2.45 -1.06
C DTR A 4 -4.07 -0.61 -0.76
O DTR A 4 -4.58 -1.69 -0.44
H DTR A 4 -4.37 1.87 0.85
HA DTR A 4 -5.04 0.93 -1.86
HB2 DTR A 4 -6.20 -0.06 0.79
HB3 DTR A 4 -6.88 -0.30 -0.81
HD1 DTR A 4 -7.29 1.90 2.15
HE1 DTR A 4 -8.55 3.94 1.43
HZ2 DTR A 4 -9.39 5.34 -0.97
HH2 DTR A 4 -9.21 5.07 -3.41
HZ3 DTR A 4 -8.00 3.11 -4.36
HE3 DTR A 4 -6.99 1.45 -2.86
N GLN A 5 -2.80 -0.51 -1.02
CA GLN A 5 -1.92 -1.73 -0.97
C GLN A 5 -0.56 -1.47 -0.32
N PRO A 6 0.16 -2.50 0.04
CA PRO A 6 1.51 -2.35 0.68
C PRO A 6 2.61 -1.87 -0.26
N TRP A 7 2.70 -2.59 -1.34
CA TRP A 7 3.73 -2.27 -2.37
C TRP A 7 3.58 -0.89 -3.03
N CY3 A 8 4.06 0.11 -2.36
CA CY3 A 8 3.99 1.51 -2.90
C CY3 A 8 5.44 1.83 -3.27
O CY3 A 8 6.18 2.44 -2.52
CB CY3 A 8 3.48 2.46 -1.81
SG CY3 A 8 4.02 2.18 -0.12
N1 CY3 A 8 5.88 1.48 -4.42
H CY3 A 8 4.46 -0.04 -1.48
HA CY3 A 8 3.37 1.54 -3.79
HB2 CY3 A 8 2.39 2.42 -1.82
HB3 CY3 A 8 3.78 3.46 -2.09
HN11 CY3 A 8 5.31 1.01 -5.05
HN12 CY3 A 8 6.81 1.66 -4.66
N GLY A 1 0.22 -1.20 5.83
CA GLY A 1 0.14 -1.31 4.34
C GLY A 1 0.32 0.12 3.81
N CYS A 2 -0.09 0.39 2.59
CA CYS A 2 0.07 1.79 2.06
C CYS A 2 -1.32 2.20 1.50
N HYP A 3 -1.44 3.34 0.89
CA HYP A 3 -2.72 3.69 0.24
C HYP A 3 -3.18 2.60 -0.78
O HYP A 3 -2.69 2.49 -1.88
CB HYP A 3 -2.50 5.07 -0.43
CG HYP A 3 -1.04 5.51 -0.11
CD HYP A 3 -0.40 4.40 0.79
OD1 HYP A 3 -1.10 6.71 0.66
HA HYP A 3 -3.49 3.78 1.01
HB2 HYP A 3 -3.21 5.79 -0.03
HB3 HYP A 3 -2.64 5.00 -1.49
HG HYP A 3 -0.46 5.64 -1.02
HD22 HYP A 3 -0.14 4.77 1.78
HD23 HYP A 3 0.47 4.01 0.31
HD1 HYP A 3 -0.78 7.41 0.05
N DTR A 4 -4.15 1.82 -0.36
CA DTR A 4 -4.72 0.75 -1.21
CB DTR A 4 -6.23 0.58 -0.87
CG DTR A 4 -7.04 1.78 -1.37
CD1 DTR A 4 -7.59 2.73 -0.57
NE1 DTR A 4 -8.17 3.55 -1.44
CE2 DTR A 4 -8.06 3.26 -2.72
CZ2 DTR A 4 -8.46 3.77 -3.95
CH2 DTR A 4 -8.11 3.10 -5.12
CZ3 DTR A 4 -7.36 1.94 -5.08
CE3 DTR A 4 -6.95 1.42 -3.84
CD2 DTR A 4 -7.31 2.08 -2.66
C DTR A 4 -3.98 -0.57 -1.02
O DTR A 4 -4.58 -1.61 -0.77
H DTR A 4 -4.46 1.95 0.55
HA DTR A 4 -4.61 1.05 -2.24
HB2 DTR A 4 -6.36 0.48 0.20
HB3 DTR A 4 -6.62 -0.30 -1.33
HD1 DTR A 4 -7.57 2.79 0.51
HE1 DTR A 4 -8.67 4.34 -1.15
HZ2 DTR A 4 -9.04 4.67 -3.99
HH2 DTR A 4 -8.42 3.49 -6.08
HZ3 DTR A 4 -7.08 1.43 -6.00
HE3 DTR A 4 -6.37 0.53 -3.80
N GLN A 5 -2.69 -0.51 -1.13
CA GLN A 5 -1.88 -1.77 -0.99
C GLN A 5 -0.56 -1.61 -0.24
N PRO A 6 0.16 -2.70 0.02
CA PRO A 6 1.49 -2.60 0.68
C PRO A 6 2.52 -2.01 -0.27
N TRP A 7 2.74 -2.68 -1.34
CA TRP A 7 3.74 -2.21 -2.35
C TRP A 7 3.37 -0.80 -2.89
N CY3 A 8 4.07 0.19 -2.47
CA CY3 A 8 3.81 1.56 -2.91
C CY3 A 8 5.03 2.01 -3.73
O CY3 A 8 6.17 1.79 -3.36
CB CY3 A 8 3.58 2.53 -1.69
SG CY3 A 8 3.98 1.91 -0.04
N1 CY3 A 8 4.83 2.65 -4.83
H CY3 A 8 4.78 0.04 -1.82
HA CY3 A 8 2.94 1.57 -3.54
HB2 CY3 A 8 2.53 2.81 -1.70
HB3 CY3 A 8 4.18 3.43 -1.87
HN11 CY3 A 8 3.95 2.91 -5.19
HN12 CY3 A 8 5.60 2.96 -5.35
N GLY A 1 -1.25 -1.59 4.14
CA GLY A 1 0.18 -1.23 4.27
C GLY A 1 0.37 0.21 3.79
N CYS A 2 0.09 0.47 2.53
CA CYS A 2 0.25 1.87 1.98
C CYS A 2 -1.13 2.25 1.40
N HYP A 3 -1.27 3.35 0.68
CA HYP A 3 -2.56 3.65 -0.01
C HYP A 3 -3.18 2.48 -0.78
O HYP A 3 -2.89 2.23 -1.95
CB HYP A 3 -2.28 4.84 -0.94
CG HYP A 3 -0.80 5.22 -0.77
CD HYP A 3 -0.24 4.40 0.45
OD1 HYP A 3 -0.84 6.59 -0.43
HA HYP A 3 -3.27 3.97 0.75
HB2 HYP A 3 -2.95 5.65 -0.68
HB3 HYP A 3 -2.49 4.56 -1.96
HG HYP A 3 -0.21 5.03 -1.66
HD22 HYP A 3 -0.14 5.00 1.36
HD23 HYP A 3 0.71 3.97 0.19
HD1 HYP A 3 -0.91 6.63 0.53
N DTR A 4 -4.02 1.76 -0.11
CA DTR A 4 -4.72 0.62 -0.71
CB DTR A 4 -6.12 0.50 -0.07
CG DTR A 4 -7.01 1.67 -0.54
CD1 DTR A 4 -7.44 2.70 0.25
NE1 DTR A 4 -8.14 3.44 -0.59
CE2 DTR A 4 -8.23 3.03 -1.84
CZ2 DTR A 4 -8.84 3.44 -3.01
CH2 DTR A 4 -8.69 2.69 -4.17
CZ3 DTR A 4 -7.96 1.51 -4.15
CE3 DTR A 4 -7.35 1.10 -2.96
CD2 DTR A 4 -7.48 1.85 -1.80
C DTR A 4 -3.90 -0.65 -0.51
O DTR A 4 -4.36 -1.63 0.05
H DTR A 4 -4.15 1.99 0.83
HA DTR A 4 -4.81 0.79 -1.77
HB2 DTR A 4 -6.07 0.52 1.01
HB3 DTR A 4 -6.62 -0.42 -0.35
HD1 DTR A 4 -7.24 2.85 1.30
HE1 DTR A 4 -8.59 4.28 -0.30
HZ2 DTR A 4 -9.42 4.36 -3.03
HH2 DTR A 4 -9.16 3.01 -5.10
HZ3 DTR A 4 -7.84 0.91 -5.05
HE3 DTR A 4 -6.77 0.18 -2.94
N GLN A 5 -2.67 -0.58 -0.95
CA GLN A 5 -1.76 -1.77 -0.83
C GLN A 5 -0.42 -1.59 -0.11
N PRO A 6 0.17 -2.69 0.34
CA PRO A 6 1.56 -2.73 0.86
C PRO A 6 2.68 -2.16 -0.01
N TRP A 7 2.59 -2.49 -1.25
CA TRP A 7 3.61 -2.01 -2.22
C TRP A 7 3.25 -0.68 -2.90
N CY3 A 8 4.03 0.31 -2.52
CA CY3 A 8 3.88 1.69 -3.05
C CY3 A 8 5.20 2.00 -3.75
O CY3 A 8 6.17 1.26 -3.67
CB CY3 A 8 3.64 2.66 -1.87
SG CY3 A 8 4.13 2.12 -0.21
N1 CY3 A 8 5.30 3.09 -4.46
H CY3 A 8 4.73 0.14 -1.86
HA CY3 A 8 3.07 1.73 -3.77
HB2 CY3 A 8 2.57 2.88 -1.84
HB3 CY3 A 8 4.15 3.59 -2.08
HN11 CY3 A 8 4.54 3.71 -4.54
HN12 CY3 A 8 6.15 3.30 -4.90
N GLY A 1 0.35 -1.36 5.67
CA GLY A 1 0.29 -1.39 4.18
C GLY A 1 0.42 0.08 3.71
N CYS A 2 0.06 0.40 2.48
CA CYS A 2 0.13 1.81 1.98
C CYS A 2 -1.29 2.14 1.42
N HYP A 3 -1.52 3.30 0.85
CA HYP A 3 -2.87 3.59 0.33
C HYP A 3 -3.30 2.57 -0.74
O HYP A 3 -2.78 2.50 -1.84
CB HYP A 3 -2.80 5.02 -0.27
CG HYP A 3 -1.31 5.37 -0.37
CD HYP A 3 -0.56 4.43 0.67
OD1 HYP A 3 -1.22 6.73 0.01
HA HYP A 3 -3.57 3.60 1.15
HB2 HYP A 3 -3.31 5.71 0.40
HB3 HYP A 3 -3.27 5.06 -1.26
HG HYP A 3 -0.91 5.26 -1.36
HD22 HYP A 3 -0.36 4.92 1.62
HD23 HYP A 3 0.38 4.09 0.24
HD1 HYP A 3 -0.43 6.85 0.55
N DTR A 4 -4.26 1.79 -0.38
CA DTR A 4 -4.84 0.75 -1.23
CB DTR A 4 -6.35 0.64 -0.92
CG DTR A 4 -7.10 1.97 -1.27
CD1 DTR A 4 -6.58 2.96 -2.01
NE1 DTR A 4 -7.53 3.85 -2.03
CE2 DTR A 4 -8.64 3.52 -1.36
CZ2 DTR A 4 -9.86 4.13 -1.10
CH2 DTR A 4 -10.83 3.48 -0.33
CZ3 DTR A 4 -10.51 2.20 0.17
CE3 DTR A 4 -9.26 1.62 -0.10
CD2 DTR A 4 -8.32 2.29 -0.88
C DTR A 4 -4.10 -0.54 -1.02
O DTR A 4 -4.66 -1.57 -0.72
H DTR A 4 -4.59 1.88 0.50
HA DTR A 4 -4.68 1.02 -2.23
HB2 DTR A 4 -6.48 0.44 0.15
HB3 DTR A 4 -6.79 -0.19 -1.52
HD1 DTR A 4 -5.61 2.99 -2.46
HE1 DTR A 4 -7.44 4.71 -2.51
HZ2 DTR A 4 -10.11 5.13 -1.51
HH2 DTR A 4 -11.79 3.93 -0.12
HZ3 DTR A 4 -11.25 1.68 0.77
HE3 DTR A 4 -9.06 0.62 0.31
N GLN A 5 -2.80 -0.48 -1.15
CA GLN A 5 -1.94 -1.72 -0.97
C GLN A 5 -0.62 -1.46 -0.26
N PRO A 6 0.08 -2.50 0.14
CA PRO A 6 1.44 -2.37 0.73
C PRO A 6 2.54 -1.85 -0.24
N TRP A 7 2.78 -2.62 -1.25
CA TRP A 7 3.79 -2.26 -2.24
C TRP A 7 3.52 -0.89 -2.90
N CY3 A 8 4.06 0.15 -2.32
CA CY3 A 8 3.86 1.51 -2.90
C CY3 A 8 5.17 1.83 -3.62
O CY3 A 8 6.22 1.29 -3.35
CB CY3 A 8 3.58 2.57 -1.77
SG CY3 A 8 4.07 2.15 -0.07
N1 CY3 A 8 5.15 2.69 -4.56
H CY3 A 8 4.63 0.04 -1.51
HA CY3 A 8 3.07 1.50 -3.62
HB2 CY3 A 8 2.51 2.68 -1.72
HB3 CY3 A 8 4.03 3.49 -2.01
HN11 CY3 A 8 4.40 3.26 -4.77
HN12 CY3 A 8 5.94 2.91 -5.03
N GLY A 1 -1.04 -1.52 4.06
CA GLY A 1 0.38 -1.16 4.22
C GLY A 1 0.51 0.28 3.74
N CYS A 2 0.18 0.52 2.49
CA CYS A 2 0.27 1.92 1.94
C CYS A 2 -1.16 2.24 1.46
N HYP A 3 -1.45 3.36 0.83
CA HYP A 3 -2.82 3.61 0.37
C HYP A 3 -3.30 2.54 -0.62
O HYP A 3 -2.88 2.44 -1.75
CB HYP A 3 -2.82 5.01 -0.27
CG HYP A 3 -1.34 5.44 -0.44
CD HYP A 3 -0.50 4.50 0.51
OD1 HYP A 3 -1.30 6.81 -0.04
HA HYP A 3 -3.47 3.62 1.21
HB2 HYP A 3 -3.38 5.71 0.35
HB3 HYP A 3 -3.32 4.93 -1.23
HG HYP A 3 -1.02 5.33 -1.47
HD22 HYP A 3 -0.21 5.00 1.43
HD23 HYP A 3 0.37 4.11 -0.01
HD1 HYP A 3 -0.48 7.17 -0.42
N DTR A 4 -4.20 1.72 -0.17
CA DTR A 4 -4.80 0.64 -0.96
CB DTR A 4 -6.31 0.49 -0.57
CG DTR A 4 -7.07 1.82 -0.72
CD1 DTR A 4 -6.57 2.95 -1.29
NE1 DTR A 4 -7.56 3.81 -1.19
CE2 DTR A 4 -8.67 3.37 -0.61
CZ2 DTR A 4 -9.94 3.86 -0.29
CH2 DTR A 4 -10.86 3.04 0.34
CZ3 DTR A 4 -10.52 1.71 0.64
CE3 DTR A 4 -9.25 1.23 0.32
CD2 DTR A 4 -8.32 2.06 -0.32
C DTR A 4 -4.00 -0.64 -0.76
O DTR A 4 -4.54 -1.66 -0.38
H DTR A 4 -4.48 1.83 0.74
HA DTR A 4 -4.72 0.89 -2.00
HB2 DTR A 4 -6.36 0.18 0.45
HB3 DTR A 4 -6.77 -0.27 -1.18
HD1 DTR A 4 -5.59 3.11 -1.72
HE1 DTR A 4 -7.48 4.74 -1.53
HZ2 DTR A 4 -10.19 4.90 -0.53
HH2 DTR A 4 -11.85 3.42 0.58
HZ3 DTR A 4 -11.25 1.08 1.12
HE3 DTR A 4 -8.99 0.22 0.54
N GLN A 5 -2.73 -0.57 -0.99
CA GLN A 5 -1.87 -1.80 -0.83
C GLN A 5 -0.48 -1.58 -0.16
N PRO A 6 0.21 -2.66 0.12
CA PRO A 6 1.53 -2.62 0.83
C PRO A 6 2.67 -2.07 -0.01
N TRP A 7 2.60 -2.53 -1.22
CA TRP A 7 3.62 -2.15 -2.24
C TRP A 7 3.36 -0.70 -2.71
N CY3 A 8 4.25 0.17 -2.40
CA CY3 A 8 4.11 1.61 -2.80
C CY3 A 8 5.13 1.85 -3.91
O CY3 A 8 5.42 2.91 -4.38
CB CY3 A 8 4.38 2.53 -1.58
SG CY3 A 8 3.05 3.61 -1.05
N1 CY3 A 8 5.80 0.87 -4.37
H CY3 A 8 5.04 -0.10 -1.88
HA CY3 A 8 3.14 1.77 -3.19
HB2 CY3 A 8 5.21 3.14 -1.81
HB3 CY3 A 8 4.66 1.92 -0.74
HN11 CY3 A 8 5.61 -0.04 -4.13
HN12 CY3 A 8 6.45 0.94 -5.07
N GLY A 1 0.91 -0.99 5.86
CA GLY A 1 0.31 -1.16 4.50
C GLY A 1 0.40 0.21 3.84
N CYS A 2 -0.02 0.38 2.61
CA CYS A 2 0.08 1.74 1.99
C CYS A 2 -1.29 2.02 1.38
N HYP A 3 -1.56 3.22 0.96
CA HYP A 3 -2.89 3.56 0.42
C HYP A 3 -3.29 2.56 -0.69
O HYP A 3 -2.67 2.52 -1.74
CB HYP A 3 -2.81 5.01 -0.08
CG HYP A 3 -1.46 5.58 0.44
CD HYP A 3 -0.61 4.37 0.96
OD1 HYP A 3 -1.79 6.35 1.59
HA HYP A 3 -3.62 3.49 1.22
HB2 HYP A 3 -3.64 5.59 0.29
HB3 HYP A 3 -2.82 5.03 -1.16
HG HYP A 3 -0.93 6.17 -0.31
HD22 HYP A 3 -0.24 4.56 1.96
HD23 HYP A 3 0.22 4.17 0.30
HD1 HYP A 3 -0.95 6.60 1.99
N DTR A 4 -4.30 1.78 -0.43
CA DTR A 4 -4.76 0.80 -1.44
CB DTR A 4 -6.31 0.65 -1.33
CG DTR A 4 -6.92 1.99 -1.75
CD1 DTR A 4 -7.65 2.80 -0.91
NE1 DTR A 4 -7.94 3.84 -1.70
CE2 DTR A 4 -7.50 3.80 -2.94
CZ2 DTR A 4 -7.53 4.61 -4.09
CH2 DTR A 4 -6.89 4.19 -5.25
CZ3 DTR A 4 -6.22 2.96 -5.26
CE3 DTR A 4 -6.18 2.17 -4.13
CD2 DTR A 4 -6.82 2.59 -2.97
C DTR A 4 -4.06 -0.53 -1.23
O DTR A 4 -4.67 -1.56 -1.08
H DTR A 4 -4.74 1.85 0.44
HA DTR A 4 -4.49 1.16 -2.40
HB2 DTR A 4 -6.60 0.42 -0.32
HB3 DTR A 4 -6.65 -0.11 -2.00
HD1 DTR A 4 -7.91 2.64 0.11
HE1 DTR A 4 -8.47 4.59 -1.35
HZ2 DTR A 4 -8.04 5.55 -4.04
HH2 DTR A 4 -6.92 4.83 -6.13
HZ3 DTR A 4 -5.73 2.65 -6.18
HE3 DTR A 4 -5.67 1.23 -4.16
N GLN A 5 -2.75 -0.46 -1.21
CA GLN A 5 -1.95 -1.71 -1.03
C GLN A 5 -0.59 -1.54 -0.36
N PRO A 6 0.03 -2.63 0.03
CA PRO A 6 1.39 -2.63 0.65
C PRO A 6 2.49 -2.06 -0.24
N TRP A 7 2.54 -2.65 -1.41
CA TRP A 7 3.58 -2.23 -2.40
C TRP A 7 3.40 -0.83 -3.00
N CY3 A 8 4.01 0.13 -2.36
CA CY3 A 8 3.94 1.55 -2.82
C CY3 A 8 5.34 1.93 -3.30
O CY3 A 8 6.13 1.10 -3.68
CB CY3 A 8 3.50 2.46 -1.64
SG CY3 A 8 4.00 1.93 0.00
N1 CY3 A 8 5.71 3.17 -3.31
H CY3 A 8 4.51 -0.04 -1.53
HA CY3 A 8 3.23 1.64 -3.65
HB2 CY3 A 8 2.43 2.51 -1.64
HB3 CY3 A 8 3.86 3.46 -1.76
HN11 CY3 A 8 5.17 3.90 -2.98
HN12 CY3 A 8 6.62 3.39 -3.60
N GLY A 1 0.38 -1.30 5.83
CA GLY A 1 -0.30 -1.26 4.50
C GLY A 1 0.03 0.13 3.94
N CYS A 2 -0.17 0.36 2.67
CA CYS A 2 0.15 1.72 2.11
C CYS A 2 -1.10 2.14 1.31
N HYP A 3 -1.12 3.28 0.67
CA HYP A 3 -2.18 3.66 -0.29
C HYP A 3 -2.87 2.55 -1.08
O HYP A 3 -2.60 2.33 -2.24
CB HYP A 3 -1.51 4.68 -1.20
CG HYP A 3 -0.53 5.42 -0.27
CD HYP A 3 -0.08 4.36 0.79
OD1 HYP A 3 -1.37 6.36 0.38
HA HYP A 3 -2.94 4.19 0.28
HB2 HYP A 3 -2.24 5.32 -1.65
HB3 HYP A 3 -0.96 4.17 -1.97
HG HYP A 3 0.29 5.89 -0.79
HD22 HYP A 3 -0.08 4.75 1.80
HD23 HYP A 3 0.90 3.97 0.55
HD1 HYP A 3 -1.94 5.88 1.00
N DTR A 4 -3.76 1.84 -0.43
CA DTR A 4 -4.49 0.74 -1.12
CB DTR A 4 -5.92 0.61 -0.52
CG DTR A 4 -6.91 1.63 -1.10
CD1 DTR A 4 -6.56 2.81 -1.68
NE1 DTR A 4 -7.73 3.32 -2.03
CE2 DTR A 4 -8.82 2.61 -1.74
CZ2 DTR A 4 -10.19 2.69 -1.89
CH2 DTR A 4 -11.02 1.67 -1.42
CZ3 DTR A 4 -10.45 0.55 -0.80
CE3 DTR A 4 -9.07 0.46 -0.67
CD2 DTR A 4 -8.25 1.49 -1.14
C DTR A 4 -3.72 -0.58 -0.96
O DTR A 4 -4.34 -1.61 -0.74
H DTR A 4 -3.92 2.04 0.51
HA DTR A 4 -4.55 0.96 -2.18
HB2 DTR A 4 -5.91 0.71 0.55
HB3 DTR A 4 -6.30 -0.36 -0.78
HD1 DTR A 4 -5.57 3.19 -1.81
HE1 DTR A 4 -7.79 4.19 -2.48
HZ2 DTR A 4 -10.63 3.56 -2.36
HH2 DTR A 4 -12.09 1.74 -1.53
HZ3 DTR A 4 -11.08 -0.26 -0.44
HE3 DTR A 4 -8.62 -0.40 -0.19
N GLN A 5 -2.42 -0.54 -1.08
CA GLN A 5 -1.65 -1.82 -0.93
C GLN A 5 -0.37 -1.71 -0.10
N PRO A 6 0.16 -2.84 0.31
CA PRO A 6 1.57 -2.98 0.74
C PRO A 6 2.62 -2.33 -0.18
N TRP A 7 2.41 -2.54 -1.44
CA TRP A 7 3.36 -1.98 -2.45
C TRP A 7 2.95 -0.58 -2.94
N CY3 A 8 3.61 0.40 -2.39
CA CY3 A 8 3.35 1.82 -2.77
C CY3 A 8 4.51 2.30 -3.65
O CY3 A 8 4.42 3.27 -4.36
CB CY3 A 8 3.28 2.71 -1.51
SG CY3 A 8 4.05 2.09 0.00
N1 CY3 A 8 5.64 1.66 -3.63
H CY3 A 8 4.28 0.22 -1.70
HA CY3 A 8 2.44 1.90 -3.34
HB2 CY3 A 8 2.23 2.89 -1.30
HB3 CY3 A 8 3.72 3.67 -1.75
HN11 CY3 A 8 5.74 0.88 -3.07
HN12 CY3 A 8 6.39 1.98 -4.18
N GLY A 1 0.60 -1.52 5.54
CA GLY A 1 -0.19 -1.38 4.28
C GLY A 1 0.12 0.02 3.75
N CYS A 2 -0.09 0.29 2.50
CA CYS A 2 0.21 1.65 1.95
C CYS A 2 -1.09 2.12 1.26
N HYP A 3 -1.08 3.23 0.55
CA HYP A 3 -2.30 3.70 -0.17
C HYP A 3 -3.02 2.62 -0.98
O HYP A 3 -2.78 2.42 -2.17
CB HYP A 3 -1.84 4.87 -1.05
CG HYP A 3 -0.43 5.28 -0.54
CD HYP A 3 0.09 4.14 0.36
OD1 HYP A 3 -0.68 6.39 0.32
HA HYP A 3 -2.99 4.09 0.56
HB2 HYP A 3 -2.57 5.66 -0.98
HB3 HYP A 3 -1.78 4.56 -2.09
HG HYP A 3 0.25 5.55 -1.33
HD22 HYP A 3 0.44 4.47 1.32
HD23 HYP A 3 0.87 3.62 -0.17
HD1 HYP A 3 -1.35 6.13 0.95
N DTR A 4 -3.88 1.91 -0.33
CA DTR A 4 -4.66 0.83 -0.99
CB DTR A 4 -6.07 0.73 -0.34
CG DTR A 4 -6.71 2.10 -0.02
CD1 DTR A 4 -7.20 2.45 1.19
NE1 DTR A 4 -7.64 3.67 1.01
CE2 DTR A 4 -7.49 4.19 -0.20
CZ2 DTR A 4 -7.78 5.38 -0.85
CH2 DTR A 4 -7.45 5.55 -2.19
CZ3 DTR A 4 -6.82 4.51 -2.87
CE3 DTR A 4 -6.54 3.31 -2.22
CD2 DTR A 4 -6.87 3.14 -0.88
C DTR A 4 -3.93 -0.51 -0.88
O DTR A 4 -4.55 -1.51 -0.61
H DTR A 4 -4.01 2.10 0.62
HA DTR A 4 -4.75 1.07 -2.04
HB2 DTR A 4 -6.00 0.17 0.58
HB3 DTR A 4 -6.73 0.20 -1.01
HD1 DTR A 4 -7.24 1.85 2.10
HE1 DTR A 4 -8.07 4.16 1.74
HZ2 DTR A 4 -8.26 6.18 -0.31
HH2 DTR A 4 -7.67 6.47 -2.71
HZ3 DTR A 4 -6.57 4.62 -3.92
HE3 DTR A 4 -6.06 2.51 -2.76
N GLN A 5 -2.63 -0.51 -1.11
CA GLN A 5 -1.86 -1.80 -1.04
C GLN A 5 -0.53 -1.72 -0.29
N PRO A 6 0.11 -2.85 -0.02
CA PRO A 6 1.33 -2.91 0.81
C PRO A 6 2.52 -2.17 0.20
N TRP A 7 2.65 -2.47 -1.05
CA TRP A 7 3.73 -1.89 -1.89
C TRP A 7 3.17 -0.61 -2.52
N CY3 A 8 3.90 0.46 -2.33
CA CY3 A 8 3.50 1.79 -2.88
C CY3 A 8 4.40 2.18 -4.04
O CY3 A 8 3.95 2.54 -5.12
CB CY3 A 8 3.61 2.80 -1.71
SG CY3 A 8 4.18 2.12 -0.13
N1 CY3 A 8 5.68 2.13 -3.90
H CY3 A 8 4.73 0.39 -1.84
HA CY3 A 8 2.48 1.74 -3.23
HB2 CY3 A 8 2.64 3.24 -1.56
HB3 CY3 A 8 4.28 3.60 -2.00
HN11 CY3 A 8 6.08 1.84 -3.05
HN12 CY3 A 8 6.28 2.41 -4.63
N GLY A 1 0.85 -1.41 5.40
CA GLY A 1 0.06 -1.33 4.14
C GLY A 1 0.22 0.10 3.63
N CYS A 2 -0.11 0.40 2.40
CA CYS A 2 0.04 1.80 1.89
C CYS A 2 -1.35 2.20 1.34
N HYP A 3 -1.50 3.31 0.63
CA HYP A 3 -2.84 3.70 0.10
C HYP A 3 -3.48 2.59 -0.76
O HYP A 3 -3.24 2.49 -1.96
CB HYP A 3 -2.60 5.02 -0.69
CG HYP A 3 -1.10 5.41 -0.54
CD HYP A 3 -0.41 4.27 0.28
OD1 HYP A 3 -1.07 6.59 0.25
HA HYP A 3 -3.49 3.91 0.95
HB2 HYP A 3 -3.27 5.77 -0.28
HB3 HYP A 3 -2.85 4.88 -1.73
HG HYP A 3 -0.61 5.57 -1.49
HD22 HYP A 3 0.07 4.61 1.19
HD23 HYP A 3 0.31 3.79 -0.35
HD1 HYP A 3 -1.65 6.45 1.02
N DTR A 4 -4.28 1.78 -0.12
CA DTR A 4 -4.96 0.65 -0.82
CB DTR A 4 -6.35 0.35 -0.17
CG DTR A 4 -7.27 1.56 0.09
CD1 DTR A 4 -7.88 1.78 1.28
NE1 DTR A 4 -8.59 2.88 1.07
CE2 DTR A 4 -8.51 3.41 -0.13
CZ2 DTR A 4 -9.04 4.51 -0.80
CH2 DTR A 4 -8.71 4.74 -2.13
CZ3 DTR A 4 -7.83 3.87 -2.79
CE3 DTR A 4 -7.31 2.78 -2.12
CD2 DTR A 4 -7.63 2.54 -0.78
C DTR A 4 -4.13 -0.63 -0.79
O DTR A 4 -4.66 -1.71 -0.53
H DTR A 4 -4.41 1.90 0.84
HA DTR A 4 -5.11 0.92 -1.86
HB2 DTR A 4 -6.19 -0.16 0.78
HB3 DTR A 4 -6.89 -0.33 -0.81
HD1 DTR A 4 -7.80 1.18 2.18
HE1 DTR A 4 -9.15 3.27 1.78
HZ2 DTR A 4 -9.72 5.17 -0.29
HH2 DTR A 4 -9.12 5.59 -2.64
HZ3 DTR A 4 -7.58 4.06 -3.83
HE3 DTR A 4 -6.63 2.11 -2.64
N GLN A 5 -2.86 -0.53 -1.03
CA GLN A 5 -2.00 -1.75 -1.02
C GLN A 5 -0.64 -1.52 -0.35
N PRO A 6 0.03 -2.56 0.12
CA PRO A 6 1.39 -2.43 0.71
C PRO A 6 2.48 -1.90 -0.23
N TRP A 7 2.64 -2.61 -1.32
CA TRP A 7 3.67 -2.19 -2.31
C TRP A 7 3.45 -0.73 -2.79
N CY3 A 8 4.35 0.11 -2.35
CA CY3 A 8 4.31 1.57 -2.71
C CY3 A 8 5.59 1.84 -3.49
O CY3 A 8 6.64 1.28 -3.21
CB CY3 A 8 4.26 2.41 -1.41
SG CY3 A 8 2.80 3.42 -1.11
N1 CY3 A 8 5.59 2.69 -4.46
H CY3 A 8 5.08 -0.21 -1.78
HA CY3 A 8 3.45 1.76 -3.33
HB2 CY3 A 8 5.12 3.06 -1.38
HB3 CY3 A 8 4.36 1.74 -0.55
HN11 CY3 A 8 4.77 3.15 -4.69
HN12 CY3 A 8 6.42 2.86 -4.96
N GLY A 1 0.91 -1.20 5.50
CA GLY A 1 0.51 -1.24 4.06
C GLY A 1 0.47 0.21 3.58
N CYS A 2 0.03 0.48 2.37
CA CYS A 2 -0.01 1.90 1.88
C CYS A 2 -1.44 2.14 1.37
N HYP A 3 -1.81 3.36 1.07
CA HYP A 3 -3.13 3.64 0.45
C HYP A 3 -3.53 2.62 -0.64
O HYP A 3 -3.07 2.65 -1.77
CB HYP A 3 -3.06 5.07 -0.09
CG HYP A 3 -1.78 5.72 0.53
CD HYP A 3 -1.00 4.59 1.30
OD1 HYP A 3 -2.27 6.64 1.50
HA HYP A 3 -3.87 3.61 1.25
HB2 HYP A 3 -3.95 5.60 0.18
HB3 HYP A 3 -2.96 5.05 -1.17
HG HYP A 3 -1.16 6.22 -0.21
HD22 HYP A 3 -0.93 4.79 2.36
HD23 HYP A 3 -0.01 4.47 0.89
HD1 HYP A 3 -1.71 7.42 1.44
N DTR A 4 -4.40 1.74 -0.26
CA DTR A 4 -4.91 0.69 -1.18
CB DTR A 4 -6.40 0.42 -0.81
CG DTR A 4 -7.18 1.73 -0.96
CD1 DTR A 4 -7.53 2.54 0.07
NE1 DTR A 4 -8.16 3.52 -0.53
CE2 DTR A 4 -8.26 3.46 -1.84
CZ2 DTR A 4 -8.80 4.23 -2.89
CH2 DTR A 4 -8.68 3.78 -4.20
CZ3 DTR A 4 -8.02 2.58 -4.47
CE3 DTR A 4 -7.49 1.84 -3.43
CD2 DTR A 4 -7.60 2.27 -2.12
C DTR A 4 -4.08 -0.57 -1.10
O DTR A 4 -4.62 -1.66 -0.99
H DTR A 4 -4.70 1.76 0.66
HA DTR A 4 -4.86 1.07 -2.20
HB2 DTR A 4 -6.47 0.07 0.22
HB3 DTR A 4 -6.84 -0.32 -1.44
HD1 DTR A 4 -7.33 2.36 1.11
HE1 DTR A 4 -8.53 4.27 0.00
HZ2 DTR A 4 -9.32 5.16 -2.66
HH2 DTR A 4 -9.10 4.37 -5.01
HZ3 DTR A 4 -7.94 2.24 -5.50
HE3 DTR A 4 -6.98 0.91 -3.65
N GLN A 5 -2.78 -0.44 -1.14
CA GLN A 5 -1.92 -1.65 -1.07
C GLN A 5 -0.58 -1.46 -0.37
N PRO A 6 0.07 -2.54 0.01
CA PRO A 6 1.39 -2.47 0.66
C PRO A 6 2.49 -1.95 -0.27
N TRP A 7 2.62 -2.65 -1.35
CA TRP A 7 3.64 -2.32 -2.38
C TRP A 7 3.61 -0.87 -2.88
N CY3 A 8 4.17 0.03 -2.12
CA CY3 A 8 4.18 1.46 -2.55
C CY3 A 8 5.47 1.57 -3.38
O CY3 A 8 6.51 2.04 -2.94
CB CY3 A 8 4.24 2.42 -1.31
SG CY3 A 8 4.01 1.80 0.37
N1 CY3 A 8 5.45 1.13 -4.59
H CY3 A 8 4.59 -0.23 -1.27
HA CY3 A 8 3.33 1.66 -3.18
HB2 CY3 A 8 3.44 3.16 -1.46
HB3 CY3 A 8 5.17 2.98 -1.32
HN11 CY3 A 8 4.60 0.75 -4.94
HN12 CY3 A 8 6.25 1.16 -5.15
N GLY A 1 -0.92 -1.42 4.48
CA GLY A 1 0.52 -1.16 4.24
C GLY A 1 0.60 0.29 3.75
N CYS A 2 0.15 0.53 2.55
CA CYS A 2 0.21 1.92 1.96
C CYS A 2 -1.25 2.20 1.48
N HYP A 3 -1.53 3.32 0.86
CA HYP A 3 -2.90 3.61 0.40
C HYP A 3 -3.39 2.51 -0.59
O HYP A 3 -2.93 2.43 -1.73
CB HYP A 3 -2.85 5.01 -0.24
CG HYP A 3 -1.36 5.43 -0.27
CD HYP A 3 -0.55 4.41 0.56
OD1 HYP A 3 -1.29 6.66 0.43
HA HYP A 3 -3.57 3.61 1.26
HB2 HYP A 3 -3.47 5.71 0.33
HB3 HYP A 3 -3.23 4.97 -1.26
HG HYP A 3 -0.98 5.56 -1.28
HD22 HYP A 3 -0.13 4.80 1.48
HD23 HYP A 3 0.24 4.02 -0.06
HD1 HYP A 3 -1.22 7.35 -0.25
N DTR A 4 -4.32 1.71 -0.17
CA DTR A 4 -4.86 0.64 -1.06
CB DTR A 4 -6.35 0.39 -0.73
CG DTR A 4 -7.25 1.51 -1.34
CD1 DTR A 4 -8.00 2.37 -0.61
NE1 DTR A 4 -8.58 3.10 -1.53
CE2 DTR A 4 -8.28 2.82 -2.79
CZ2 DTR A 4 -8.64 3.30 -4.06
CH2 DTR A 4 -8.10 2.74 -5.22
CZ3 DTR A 4 -7.22 1.67 -5.08
CE3 DTR A 4 -6.86 1.18 -3.82
CD2 DTR A 4 -7.41 1.76 -2.66
C DTR A 4 -4.05 -0.62 -0.86
O DTR A 4 -4.58 -1.68 -0.60
H DTR A 4 -4.64 1.81 0.75
HA DTR A 4 -4.75 0.97 -2.11
HB2 DTR A 4 -6.51 0.35 0.35
HB3 DTR A 4 -6.66 -0.58 -1.16
HD1 DTR A 4 -8.09 2.41 0.45
HE1 DTR A 4 -9.18 3.83 -1.30
HZ2 DTR A 4 -9.31 4.15 -4.15
HH2 DTR A 4 -8.37 3.14 -6.19
HZ3 DTR A 4 -6.81 1.22 -5.96
HE3 DTR A 4 -6.18 0.33 -3.74
N GLN A 5 -2.76 -0.48 -0.96
CA GLN A 5 -1.90 -1.69 -0.78
C GLN A 5 -0.52 -1.46 -0.15
N PRO A 6 0.21 -2.52 0.15
CA PRO A 6 1.59 -2.43 0.71
C PRO A 6 2.68 -1.96 -0.23
N TRP A 7 2.72 -2.63 -1.35
CA TRP A 7 3.74 -2.31 -2.40
C TRP A 7 3.74 -0.94 -3.09
N CY3 A 8 3.92 0.11 -2.32
CA CY3 A 8 3.93 1.48 -2.96
C CY3 A 8 5.37 1.80 -3.41
O CY3 A 8 5.86 2.91 -3.34
CB CY3 A 8 3.42 2.50 -1.89
SG CY3 A 8 4.00 2.30 -0.18
N1 CY3 A 8 6.06 0.82 -3.86
H CY3 A 8 4.05 -0.03 -1.36
HA CY3 A 8 3.26 1.49 -3.78
HB2 CY3 A 8 2.33 2.45 -1.85
HB3 CY3 A 8 3.74 3.50 -2.22
HN11 CY3 A 8 5.76 -0.09 -3.88
HN12 CY3 A 8 6.97 0.98 -4.13
N GLY A 1 -0.93 -1.50 4.81
CA GLY A 1 0.42 -1.22 4.24
C GLY A 1 0.47 0.23 3.75
N CYS A 2 0.24 0.44 2.48
CA CYS A 2 0.28 1.81 1.91
C CYS A 2 -1.14 2.09 1.37
N HYP A 3 -1.40 3.27 0.85
CA HYP A 3 -2.79 3.56 0.39
C HYP A 3 -3.26 2.51 -0.63
O HYP A 3 -2.73 2.39 -1.70
CB HYP A 3 -2.74 4.99 -0.20
CG HYP A 3 -1.32 5.55 0.03
CD HYP A 3 -0.45 4.40 0.66
OD1 HYP A 3 -1.53 6.56 1.00
HA HYP A 3 -3.44 3.55 1.22
HB2 HYP A 3 -3.50 5.59 0.24
HB3 HYP A 3 -3.00 4.97 -1.23
HG HYP A 3 -0.90 5.95 -0.89
HD22 HYP A 3 -0.04 4.71 1.62
HD23 HYP A 3 0.32 4.10 -0.06
HD1 HYP A 3 -0.99 7.31 0.73
N DTR A 4 -4.26 1.76 -0.22
CA DTR A 4 -4.82 0.73 -1.13
CB DTR A 4 -6.37 0.59 -0.84
CG DTR A 4 -7.05 1.88 -1.25
CD1 DTR A 4 -7.62 2.74 -0.37
NE1 DTR A 4 -8.07 3.70 -1.13
CE2 DTR A 4 -7.85 3.60 -2.42
CZ2 DTR A 4 -8.13 4.32 -3.57
CH2 DTR A 4 -7.73 3.85 -4.82
CZ3 DTR A 4 -7.04 2.64 -4.91
CE3 DTR A 4 -6.76 1.90 -3.75
CD2 DTR A 4 -7.18 2.39 -2.50
C DTR A 4 -4.11 -0.61 -0.86
O DTR A 4 -4.71 -1.62 -0.60
H DTR A 4 -4.62 1.91 0.65
HA DTR A 4 -4.64 0.99 -2.14
HB2 DTR A 4 -6.53 0.36 0.18
HB3 DTR A 4 -6.75 -0.21 -1.44
HD1 DTR A 4 -7.69 2.65 0.70
HE1 DTR A 4 -8.53 4.49 -0.76
HZ2 DTR A 4 -8.68 5.24 -3.53
HH2 DTR A 4 -7.95 4.40 -5.74
HZ3 DTR A 4 -6.74 2.23 -5.87
HE3 DTR A 4 -6.24 0.96 -3.82
N GLN A 5 -2.79 -0.55 -0.95
CA GLN A 5 -1.93 -1.77 -0.75
C GLN A 5 -0.54 -1.48 -0.19
N PRO A 6 0.18 -2.49 0.21
CA PRO A 6 1.55 -2.33 0.77
C PRO A 6 2.64 -1.82 -0.19
N TRP A 7 2.77 -2.57 -1.26
CA TRP A 7 3.79 -2.23 -2.30
C TRP A 7 3.61 -0.87 -3.02
N CY3 A 8 3.96 0.20 -2.37
CA CY3 A 8 3.82 1.53 -3.01
C CY3 A 8 5.22 1.77 -3.59
O CY3 A 8 6.22 1.29 -3.10
CB CY3 A 8 3.48 2.63 -2.00
SG CY3 A 8 4.06 2.39 -0.32
N1 CY3 A 8 5.32 2.52 -4.66
H CY3 A 8 4.33 0.14 -1.46
HA CY3 A 8 3.10 1.49 -3.79
HB2 CY3 A 8 2.39 2.73 -1.93
HB3 CY3 A 8 3.91 3.57 -2.34
HN11 CY3 A 8 4.58 2.97 -5.09
HN12 CY3 A 8 6.21 2.70 -4.99
N GLY A 1 0.84 -1.26 5.49
CA GLY A 1 0.01 -1.22 4.25
C GLY A 1 0.16 0.21 3.75
N CYS A 2 -0.12 0.45 2.50
CA CYS A 2 0.02 1.84 1.96
C CYS A 2 -1.35 2.24 1.41
N HYP A 3 -1.47 3.41 0.81
CA HYP A 3 -2.73 3.79 0.13
C HYP A 3 -3.28 2.69 -0.81
O HYP A 3 -2.99 2.65 -1.98
CB HYP A 3 -2.40 5.10 -0.62
CG HYP A 3 -1.12 5.66 0.02
CD HYP A 3 -0.42 4.46 0.74
OD1 HYP A 3 -1.59 6.56 1.02
HA HYP A 3 -3.46 4.00 0.89
HB2 HYP A 3 -3.25 5.76 -0.57
HB3 HYP A 3 -2.22 4.87 -1.67
HG HYP A 3 -0.48 6.17 -0.70
HD22 HYP A 3 -0.05 4.71 1.72
HD23 HYP A 3 0.41 4.10 0.12
HD1 HYP A 3 -2.51 6.35 1.19
N DTR A 4 -4.10 1.85 -0.25
CA DTR A 4 -4.70 0.75 -1.05
CB DTR A 4 -6.17 0.53 -0.56
CG DTR A 4 -7.06 1.79 -0.75
CD1 DTR A 4 -6.62 3.05 -1.01
NE1 DTR A 4 -7.73 3.76 -1.08
CE2 DTR A 4 -8.86 3.12 -0.90
CZ2 DTR A 4 -10.22 3.41 -0.88
CH2 DTR A 4 -11.14 2.40 -0.65
CZ3 DTR A 4 -10.70 1.09 -0.43
CE3 DTR A 4 -9.33 0.80 -0.45
CD2 DTR A 4 -8.42 1.82 -0.69
C DTR A 4 -3.90 -0.55 -0.99
O DTR A 4 -4.47 -1.62 -0.81
H DTR A 4 -4.28 1.92 0.71
HA DTR A 4 -4.73 1.06 -2.10
HB2 DTR A 4 -6.20 0.21 0.48
HB3 DTR A 4 -6.60 -0.25 -1.16
HD1 DTR A 4 -5.60 3.38 -1.14
HE1 DTR A 4 -7.70 4.73 -1.25
HZ2 DTR A 4 -10.57 4.42 -1.05
HH2 DTR A 4 -12.20 2.62 -0.63
HZ3 DTR A 4 -11.42 0.31 -0.26
HE3 DTR A 4 -8.99 -0.21 -0.27
N GLN A 5 -2.59 -0.46 -1.13
CA GLN A 5 -1.77 -1.72 -1.08
C GLN A 5 -0.47 -1.74 -0.28
N PRO A 6 0.10 -2.92 -0.10
CA PRO A 6 1.37 -3.10 0.64
C PRO A 6 2.56 -2.41 -0.01
N TRP A 7 2.61 -2.65 -1.29
CA TRP A 7 3.68 -2.07 -2.14
C TRP A 7 3.31 -0.70 -2.72
N CY3 A 8 4.03 0.31 -2.32
CA CY3 A 8 3.79 1.69 -2.81
C CY3 A 8 4.97 2.06 -3.71
O CY3 A 8 5.95 1.35 -3.80
CB CY3 A 8 3.68 2.67 -1.63
SG CY3 A 8 3.98 2.05 0.04
N1 CY3 A 8 4.94 3.19 -4.35
H CY3 A 8 4.75 0.17 -1.67
HA CY3 A 8 2.88 1.70 -3.41
HB2 CY3 A 8 2.69 3.10 -1.66
HB3 CY3 A 8 4.38 3.49 -1.80
HN11 CY3 A 8 4.15 3.77 -4.28
HN12 CY3 A 8 5.71 3.43 -4.92
N GLY A 1 1.60 -1.07 5.32
CA GLY A 1 0.60 -1.11 4.24
C GLY A 1 0.45 0.32 3.74
N CYS A 2 -0.03 0.56 2.54
CA CYS A 2 -0.15 1.97 2.08
C CYS A 2 -1.57 2.18 1.49
N HYP A 3 -1.89 3.40 1.13
CA HYP A 3 -3.11 3.67 0.34
C HYP A 3 -3.32 2.64 -0.80
O HYP A 3 -2.61 2.61 -1.78
CB HYP A 3 -2.95 5.10 -0.21
CG HYP A 3 -1.85 5.77 0.65
CD HYP A 3 -1.14 4.64 1.47
OD1 HYP A 3 -2.54 6.64 1.55
HA HYP A 3 -3.96 3.64 1.00
HB2 HYP A 3 -3.89 5.60 -0.22
HB3 HYP A 3 -2.60 5.04 -1.23
HG HYP A 3 -1.13 6.30 0.03
HD22 HYP A 3 -1.20 4.82 2.54
HD23 HYP A 3 -0.11 4.55 1.17
HD1 HYP A 3 -1.86 7.02 2.14
N DTR A 4 -4.30 1.83 -0.60
CA DTR A 4 -4.66 0.78 -1.57
CB DTR A 4 -6.21 0.62 -1.53
CG DTR A 4 -6.89 1.84 -2.18
CD1 DTR A 4 -6.30 2.68 -3.05
NE1 DTR A 4 -7.24 3.56 -3.34
CE2 DTR A 4 -8.42 3.39 -2.76
CZ2 DTR A 4 -9.66 3.99 -2.71
CH2 DTR A 4 -10.67 3.46 -1.90
CZ3 DTR A 4 -10.42 2.32 -1.14
CE3 DTR A 4 -9.16 1.72 -1.18
CD2 DTR A 4 -8.16 2.25 -1.98
C DTR A 4 -3.94 -0.53 -1.29
O DTR A 4 -4.55 -1.58 -1.13
H DTR A 4 -4.80 1.89 0.23
HA DTR A 4 -4.33 1.08 -2.56
HB2 DTR A 4 -6.53 0.57 -0.52
HB3 DTR A 4 -6.51 -0.28 -2.05
HD1 DTR A 4 -5.28 2.63 -3.39
HE1 DTR A 4 -7.07 4.30 -3.99
HZ2 DTR A 4 -9.86 4.87 -3.31
HH2 DTR A 4 -11.65 3.92 -1.87
HZ3 DTR A 4 -11.20 1.90 -0.50
HE3 DTR A 4 -8.96 0.84 -0.59
N GLN A 5 -2.64 -0.44 -1.20
CA GLN A 5 -1.85 -1.68 -0.94
C GLN A 5 -0.53 -1.61 -0.18
N PRO A 6 0.01 -2.78 0.14
CA PRO A 6 1.42 -2.96 0.57
C PRO A 6 2.52 -2.39 -0.32
N TRP A 7 2.43 -2.72 -1.57
CA TRP A 7 3.46 -2.22 -2.52
C TRP A 7 3.39 -0.73 -2.85
N CY3 A 8 3.98 0.08 -2.02
CA CY3 A 8 3.94 1.54 -2.30
C CY3 A 8 5.19 1.74 -3.17
O CY3 A 8 6.26 2.11 -2.73
CB CY3 A 8 4.07 2.39 -0.97
SG CY3 A 8 3.83 1.60 0.65
N1 CY3 A 8 5.06 1.48 -4.43
H CY3 A 8 4.43 -0.26 -1.22
HA CY3 A 8 3.04 1.80 -2.84
HB2 CY3 A 8 3.33 3.17 -1.05
HB3 CY3 A 8 5.03 2.88 -0.95
HN11 CY3 A 8 4.19 1.19 -4.77
HN12 CY3 A 8 5.82 1.58 -5.04
#